data_1QQ9
#
_entry.id   1QQ9
#
_cell.length_a   61.830
_cell.length_b   61.830
_cell.length_c   146.610
_cell.angle_alpha   90.00
_cell.angle_beta   90.00
_cell.angle_gamma   90.00
#
_symmetry.space_group_name_H-M   'P 41 21 2'
#
loop_
_entity.id
_entity.type
_entity.pdbx_description
1 polymer AMINOPEPTIDASE
2 non-polymer 'ZINC ION'
3 non-polymer 'CALCIUM ION'
4 non-polymer METHIONINE
5 water water
#
_entity_poly.entity_id   1
_entity_poly.type   'polypeptide(L)'
_entity_poly.pdbx_seq_one_letter_code
;APDIPLANVKAHLTQLSTIAANNGGNRAHGRPGYKASVDYVKAKLDAAGYTTTLQQFTSGGATGYNLIANWPGGDPNKVL
MAGAHLDSVSSGAGINDNGSGSAAVLETALAVSRAGYQPDKHLRFAWWGAEELGLIGSKFYVNNLPSADRSKLAGYLNFD
MIGSPNPGYFVYDDDPVIEKTFKNYFAGLNVPTEIETEGDGRSDHAPFKNVGVPVGGLFTGAGYTKSAAQAQKWGGTAGQ
AFDRCYHSSCDSLSNINDTALDRNSDAAAHAIWTLSSGTGEPPT
;
_entity_poly.pdbx_strand_id   A
#
loop_
_chem_comp.id
_chem_comp.type
_chem_comp.name
_chem_comp.formula
CA non-polymer 'CALCIUM ION' 'Ca 2'
ZN non-polymer 'ZINC ION' 'Zn 2'
#
# COMPACT_ATOMS: atom_id res chain seq x y z
N ALA A 1 7.03 15.03 -9.97
CA ALA A 1 5.97 13.97 -9.85
C ALA A 1 4.62 14.64 -10.05
N PRO A 2 3.64 13.90 -10.54
CA PRO A 2 2.28 14.40 -10.76
C PRO A 2 1.55 14.41 -9.42
N ASP A 3 0.50 15.21 -9.36
CA ASP A 3 -0.45 15.25 -8.24
C ASP A 3 -1.40 14.07 -8.53
N ILE A 4 -1.58 13.14 -7.58
CA ILE A 4 -2.50 12.02 -7.83
C ILE A 4 -3.93 12.53 -7.57
N PRO A 5 -4.85 12.31 -8.53
CA PRO A 5 -6.21 12.84 -8.30
C PRO A 5 -6.96 12.00 -7.26
N LEU A 6 -7.37 12.64 -6.19
CA LEU A 6 -8.16 11.92 -5.15
C LEU A 6 -9.38 11.24 -5.75
N ALA A 7 -10.11 11.86 -6.68
CA ALA A 7 -11.28 11.21 -7.24
C ALA A 7 -10.96 9.87 -7.89
N ASN A 8 -9.76 9.73 -8.49
CA ASN A 8 -9.42 8.48 -9.15
C ASN A 8 -9.13 7.40 -8.09
N VAL A 9 -8.51 7.80 -6.97
CA VAL A 9 -8.24 6.82 -5.93
C VAL A 9 -9.55 6.36 -5.32
N LYS A 10 -10.44 7.31 -5.05
CA LYS A 10 -11.78 6.96 -4.46
C LYS A 10 -12.55 6.05 -5.42
N ALA A 11 -12.41 6.24 -6.74
CA ALA A 11 -13.13 5.36 -7.68
C ALA A 11 -12.67 3.89 -7.53
N HIS A 12 -11.37 3.67 -7.29
CA HIS A 12 -10.91 2.29 -7.06
C HIS A 12 -11.52 1.75 -5.78
N LEU A 13 -11.60 2.57 -4.74
CA LEU A 13 -12.19 2.11 -3.46
C LEU A 13 -13.68 1.74 -3.70
N THR A 14 -14.40 2.53 -4.50
CA THR A 14 -15.81 2.19 -4.78
C THR A 14 -15.89 0.83 -5.47
N GLN A 15 -15.02 0.56 -6.44
CA GLN A 15 -15.01 -0.76 -7.09
C GLN A 15 -14.69 -1.86 -6.08
N LEU A 16 -13.69 -1.68 -5.18
CA LEU A 16 -13.41 -2.73 -4.23
C LEU A 16 -14.61 -2.96 -3.28
N SER A 17 -15.32 -1.88 -2.90
CA SER A 17 -16.52 -1.99 -2.03
C SER A 17 -17.61 -2.85 -2.74
N THR A 18 -17.85 -2.58 -4.03
CA THR A 18 -18.85 -3.35 -4.80
C THR A 18 -18.42 -4.79 -4.94
N ILE A 19 -17.11 -5.01 -5.17
CA ILE A 19 -16.64 -6.40 -5.22
C ILE A 19 -16.90 -7.13 -3.90
N ALA A 20 -16.65 -6.51 -2.75
CA ALA A 20 -16.92 -7.17 -1.48
C ALA A 20 -18.42 -7.45 -1.33
N ALA A 21 -19.26 -6.45 -1.68
CA ALA A 21 -20.70 -6.66 -1.54
C ALA A 21 -21.21 -7.78 -2.44
N ASN A 22 -20.63 -7.97 -3.63
CA ASN A 22 -21.08 -9.02 -4.58
C ASN A 22 -20.53 -10.40 -4.21
N ASN A 23 -19.60 -10.45 -3.24
CA ASN A 23 -18.94 -11.69 -2.89
C ASN A 23 -19.00 -11.99 -1.40
N GLY A 24 -20.15 -11.85 -0.79
CA GLY A 24 -20.19 -12.29 0.60
C GLY A 24 -19.82 -11.29 1.65
N GLY A 25 -19.39 -10.11 1.21
CA GLY A 25 -19.11 -9.05 2.15
C GLY A 25 -17.65 -8.87 2.50
N ASN A 26 -16.75 -9.61 1.87
CA ASN A 26 -15.33 -9.45 2.26
C ASN A 26 -14.43 -9.71 1.07
N ARG A 27 -13.13 -9.43 1.25
CA ARG A 27 -12.14 -9.70 0.19
C ARG A 27 -11.03 -10.52 0.82
N ALA A 28 -11.39 -11.59 1.53
CA ALA A 28 -10.39 -12.36 2.30
C ALA A 28 -9.75 -13.50 1.54
N HIS A 29 -8.53 -13.84 1.98
CA HIS A 29 -7.84 -14.99 1.39
C HIS A 29 -8.74 -16.25 1.34
N GLY A 30 -8.68 -16.86 0.17
CA GLY A 30 -9.42 -18.10 -0.07
C GLY A 30 -10.89 -17.89 -0.37
N ARG A 31 -11.38 -16.66 -0.40
CA ARG A 31 -12.80 -16.38 -0.68
C ARG A 31 -12.87 -15.68 -2.04
N PRO A 32 -14.00 -15.74 -2.75
CA PRO A 32 -14.11 -15.13 -4.08
C PRO A 32 -13.80 -13.63 -4.22
N GLY A 33 -14.08 -12.91 -3.13
CA GLY A 33 -13.83 -11.47 -3.13
C GLY A 33 -12.36 -11.15 -3.31
N TYR A 34 -11.46 -12.04 -2.90
CA TYR A 34 -10.03 -11.72 -3.08
C TYR A 34 -9.64 -11.86 -4.55
N LYS A 35 -9.95 -12.99 -5.20
CA LYS A 35 -9.56 -13.12 -6.61
C LYS A 35 -10.26 -12.04 -7.45
N ALA A 36 -11.49 -11.68 -7.13
CA ALA A 36 -12.18 -10.64 -7.91
C ALA A 36 -11.43 -9.28 -7.78
N SER A 37 -10.85 -9.04 -6.59
CA SER A 37 -10.04 -7.81 -6.39
C SER A 37 -8.78 -7.86 -7.27
N VAL A 38 -8.09 -8.98 -7.30
CA VAL A 38 -6.91 -9.15 -8.14
C VAL A 38 -7.27 -8.91 -9.60
N ASP A 39 -8.41 -9.44 -10.05
CA ASP A 39 -8.80 -9.30 -11.46
C ASP A 39 -9.03 -7.86 -11.82
N TYR A 40 -9.66 -7.08 -10.92
CA TYR A 40 -9.85 -5.65 -11.19
C TYR A 40 -8.53 -4.89 -11.33
N VAL A 41 -7.62 -5.12 -10.41
CA VAL A 41 -6.34 -4.39 -10.45
C VAL A 41 -5.55 -4.81 -11.68
N LYS A 42 -5.53 -6.13 -11.96
CA LYS A 42 -4.75 -6.59 -13.14
C LYS A 42 -5.27 -6.02 -14.45
N ALA A 43 -6.61 -5.95 -14.60
CA ALA A 43 -7.15 -5.40 -15.85
C ALA A 43 -6.76 -3.95 -16.08
N LYS A 44 -6.70 -3.14 -15.05
CA LYS A 44 -6.32 -1.73 -15.19
C LYS A 44 -4.85 -1.61 -15.60
N LEU A 45 -4.00 -2.44 -15.01
CA LEU A 45 -2.57 -2.43 -15.30
C LEU A 45 -2.26 -2.94 -16.70
N ASP A 46 -2.93 -4.02 -17.12
CA ASP A 46 -2.67 -4.58 -18.45
C ASP A 46 -3.06 -3.53 -19.50
N ALA A 47 -4.16 -2.81 -19.30
CA ALA A 47 -4.59 -1.79 -20.28
C ALA A 47 -3.61 -0.64 -20.34
N ALA A 48 -2.86 -0.39 -19.27
CA ALA A 48 -1.93 0.75 -19.23
C ALA A 48 -0.55 0.40 -19.77
N GLY A 49 -0.30 -0.87 -20.12
CA GLY A 49 0.98 -1.25 -20.66
C GLY A 49 1.97 -2.01 -19.78
N TYR A 50 1.55 -2.32 -18.55
CA TYR A 50 2.43 -3.09 -17.71
C TYR A 50 2.51 -4.56 -18.11
N THR A 51 3.64 -5.16 -17.75
CA THR A 51 3.76 -6.63 -17.86
C THR A 51 3.30 -7.17 -16.47
N THR A 52 2.25 -7.98 -16.44
CA THR A 52 1.74 -8.47 -15.15
C THR A 52 1.98 -9.96 -14.99
N THR A 53 2.24 -10.35 -13.76
CA THR A 53 2.50 -11.76 -13.42
C THR A 53 1.62 -12.11 -12.23
N LEU A 54 0.93 -13.24 -12.27
CA LEU A 54 0.15 -13.72 -11.14
C LEU A 54 0.98 -14.81 -10.49
N GLN A 55 1.30 -14.67 -9.21
CA GLN A 55 2.07 -15.67 -8.50
C GLN A 55 1.12 -16.40 -7.59
N GLN A 56 0.98 -17.70 -7.76
CA GLN A 56 0.05 -18.50 -6.94
C GLN A 56 0.78 -19.21 -5.80
N PHE A 57 0.12 -19.33 -4.65
CA PHE A 57 0.66 -20.05 -3.50
C PHE A 57 -0.51 -20.67 -2.74
N THR A 58 -0.21 -21.63 -1.86
CA THR A 58 -1.27 -22.27 -1.05
C THR A 58 -1.00 -22.03 0.42
N SER A 59 -2.03 -21.56 1.15
CA SER A 59 -1.91 -21.37 2.58
C SER A 59 -3.24 -21.69 3.23
N GLY A 60 -3.18 -22.43 4.34
CA GLY A 60 -4.39 -22.78 5.06
C GLY A 60 -5.31 -23.58 4.17
N GLY A 61 -4.74 -24.38 3.27
CA GLY A 61 -5.52 -25.17 2.37
C GLY A 61 -6.19 -24.48 1.20
N ALA A 62 -5.96 -23.17 1.02
CA ALA A 62 -6.62 -22.46 -0.07
C ALA A 62 -5.58 -21.74 -0.93
N THR A 63 -5.90 -21.51 -2.19
CA THR A 63 -5.02 -20.84 -3.14
C THR A 63 -5.09 -19.32 -2.94
N GLY A 64 -3.91 -18.70 -2.81
CA GLY A 64 -3.84 -17.23 -2.75
C GLY A 64 -3.00 -16.77 -3.93
N TYR A 65 -2.97 -15.46 -4.14
CA TYR A 65 -2.23 -14.91 -5.26
C TYR A 65 -1.55 -13.60 -4.89
N ASN A 66 -0.37 -13.41 -5.46
CA ASN A 66 0.25 -12.04 -5.45
C ASN A 66 0.16 -11.55 -6.90
N LEU A 67 0.00 -10.24 -7.09
CA LEU A 67 -0.02 -9.68 -8.47
C LEU A 67 1.20 -8.76 -8.55
N ILE A 68 2.10 -9.05 -9.49
CA ILE A 68 3.32 -8.28 -9.66
C ILE A 68 3.24 -7.58 -11.02
N ALA A 69 3.55 -6.30 -11.04
CA ALA A 69 3.49 -5.52 -12.32
C ALA A 69 4.82 -4.84 -12.58
N ASN A 70 5.38 -5.06 -13.77
CA ASN A 70 6.66 -4.44 -14.12
C ASN A 70 6.43 -3.41 -15.24
N TRP A 71 7.00 -2.22 -15.04
CA TRP A 71 6.90 -1.16 -16.08
C TRP A 71 8.12 -1.40 -17.00
N PRO A 72 7.88 -1.75 -18.29
CA PRO A 72 9.08 -2.00 -19.10
C PRO A 72 10.12 -0.90 -19.14
N GLY A 73 11.38 -1.33 -19.09
CA GLY A 73 12.47 -0.37 -19.16
C GLY A 73 13.21 -0.11 -17.87
N GLY A 74 14.13 0.88 -17.89
CA GLY A 74 14.89 1.22 -16.71
C GLY A 74 16.05 0.27 -16.51
N ASP A 75 16.89 0.57 -15.53
CA ASP A 75 18.05 -0.27 -15.28
C ASP A 75 17.60 -1.60 -14.63
N PRO A 76 17.85 -2.75 -15.28
CA PRO A 76 17.42 -4.01 -14.65
C PRO A 76 18.16 -4.32 -13.36
N ASN A 77 19.31 -3.71 -13.16
CA ASN A 77 20.08 -3.96 -11.95
C ASN A 77 19.75 -3.11 -10.75
N LYS A 78 18.81 -2.15 -10.92
CA LYS A 78 18.41 -1.29 -9.84
C LYS A 78 16.89 -1.19 -9.93
N VAL A 79 16.20 -1.97 -9.13
CA VAL A 79 14.74 -2.02 -9.15
C VAL A 79 14.15 -1.36 -7.95
N LEU A 80 13.19 -0.43 -8.16
CA LEU A 80 12.49 0.18 -7.02
C LEU A 80 11.08 -0.44 -7.01
N MET A 81 10.70 -0.97 -5.85
CA MET A 81 9.39 -1.62 -5.71
C MET A 81 8.51 -0.89 -4.73
N ALA A 82 7.20 -0.95 -5.00
CA ALA A 82 6.23 -0.38 -4.07
C ALA A 82 5.08 -1.38 -4.01
N GLY A 83 4.49 -1.52 -2.82
CA GLY A 83 3.40 -2.53 -2.68
C GLY A 83 2.46 -2.26 -1.55
N ALA A 84 1.41 -3.11 -1.56
CA ALA A 84 0.30 -2.96 -0.60
C ALA A 84 -0.42 -4.28 -0.54
N HIS A 85 -0.86 -4.72 0.63
CA HIS A 85 -1.61 -5.98 0.61
C HIS A 85 -3.04 -5.70 0.15
N LEU A 86 -3.53 -6.65 -0.62
CA LEU A 86 -4.85 -6.53 -1.25
C LEU A 86 -5.95 -7.37 -0.55
N ASP A 87 -5.55 -8.20 0.39
CA ASP A 87 -6.60 -8.98 1.11
C ASP A 87 -7.19 -8.20 2.28
N SER A 88 -8.39 -8.59 2.70
CA SER A 88 -9.00 -8.06 3.93
C SER A 88 -9.19 -9.23 4.92
N VAL A 89 -9.56 -8.88 6.13
CA VAL A 89 -10.01 -9.90 7.08
C VAL A 89 -11.44 -10.32 6.60
N SER A 90 -11.95 -11.42 7.17
CA SER A 90 -13.26 -11.85 6.68
C SER A 90 -14.44 -11.16 7.32
N SER A 91 -14.19 -10.22 8.25
CA SER A 91 -15.33 -9.57 8.84
C SER A 91 -15.92 -8.44 8.00
N GLY A 92 -15.22 -7.99 6.94
CA GLY A 92 -15.74 -6.86 6.19
C GLY A 92 -14.94 -6.57 4.92
N ALA A 93 -15.22 -5.42 4.31
CA ALA A 93 -14.63 -5.10 3.01
C ALA A 93 -13.21 -4.65 3.05
N GLY A 94 -12.70 -4.24 4.21
CA GLY A 94 -11.30 -3.80 4.31
C GLY A 94 -11.01 -2.58 3.43
N ILE A 95 -11.82 -1.54 3.53
CA ILE A 95 -11.61 -0.36 2.67
C ILE A 95 -10.41 0.44 3.18
N ASN A 96 -10.30 0.78 4.47
CA ASN A 96 -9.07 1.42 4.92
C ASN A 96 -7.95 0.34 5.02
N ASP A 97 -8.25 -0.86 5.55
CA ASP A 97 -7.19 -1.92 5.68
C ASP A 97 -7.54 -3.05 4.70
N ASN A 98 -7.00 -3.08 3.49
CA ASN A 98 -6.05 -2.10 2.95
C ASN A 98 -6.39 -1.72 1.52
N GLY A 99 -7.68 -1.48 1.32
CA GLY A 99 -8.05 -0.88 0.04
C GLY A 99 -7.33 0.46 -0.17
N SER A 100 -7.13 1.22 0.91
CA SER A 100 -6.49 2.58 0.80
C SER A 100 -5.09 2.47 0.18
N GLY A 101 -4.23 1.58 0.73
CA GLY A 101 -2.89 1.46 0.16
C GLY A 101 -2.94 0.84 -1.22
N SER A 102 -3.80 -0.17 -1.40
CA SER A 102 -3.91 -0.81 -2.74
C SER A 102 -4.31 0.16 -3.82
N ALA A 103 -5.27 1.04 -3.51
CA ALA A 103 -5.73 2.01 -4.51
C ALA A 103 -4.72 3.10 -4.76
N ALA A 104 -3.97 3.52 -3.73
CA ALA A 104 -2.93 4.56 -3.96
C ALA A 104 -1.81 4.00 -4.84
N VAL A 105 -1.40 2.75 -4.61
CA VAL A 105 -0.32 2.16 -5.41
C VAL A 105 -0.85 1.96 -6.83
N LEU A 106 -2.09 1.49 -6.98
CA LEU A 106 -2.62 1.32 -8.33
C LEU A 106 -2.68 2.68 -9.07
N GLU A 107 -3.20 3.73 -8.42
CA GLU A 107 -3.28 5.02 -9.18
C GLU A 107 -1.88 5.56 -9.46
N THR A 108 -0.89 5.33 -8.59
CA THR A 108 0.46 5.77 -8.89
C THR A 108 0.98 5.02 -10.12
N ALA A 109 0.73 3.71 -10.23
CA ALA A 109 1.17 2.97 -11.39
C ALA A 109 0.48 3.50 -12.66
N LEU A 110 -0.82 3.82 -12.57
CA LEU A 110 -1.48 4.36 -13.74
C LEU A 110 -0.92 5.75 -14.09
N ALA A 111 -0.53 6.54 -13.08
CA ALA A 111 0.02 7.88 -13.35
C ALA A 111 1.36 7.79 -14.09
N VAL A 112 2.15 6.75 -13.80
CA VAL A 112 3.43 6.57 -14.51
C VAL A 112 3.12 6.40 -16.01
N SER A 113 2.14 5.60 -16.38
CA SER A 113 1.78 5.39 -17.78
C SER A 113 1.21 6.64 -18.43
N ARG A 114 0.29 7.34 -17.73
CA ARG A 114 -0.33 8.56 -18.28
C ARG A 114 0.74 9.62 -18.50
N ALA A 115 1.74 9.71 -17.64
CA ALA A 115 2.80 10.72 -17.78
C ALA A 115 3.86 10.39 -18.84
N GLY A 116 3.87 9.13 -19.27
CA GLY A 116 4.89 8.66 -20.21
C GLY A 116 6.24 8.72 -19.52
N TYR A 117 6.27 8.38 -18.23
CA TYR A 117 7.52 8.44 -17.45
C TYR A 117 8.49 7.31 -17.78
N GLN A 118 9.75 7.67 -17.99
CA GLN A 118 10.82 6.70 -18.28
C GLN A 118 11.85 6.87 -17.17
N PRO A 119 11.71 6.09 -16.10
CA PRO A 119 12.61 6.17 -14.96
C PRO A 119 14.00 5.61 -15.21
N ASP A 120 14.95 6.07 -14.42
CA ASP A 120 16.32 5.54 -14.55
C ASP A 120 16.31 4.13 -13.93
N LYS A 121 15.70 3.99 -12.76
CA LYS A 121 15.58 2.64 -12.13
C LYS A 121 14.33 1.93 -12.69
N HIS A 122 14.36 0.61 -12.75
CA HIS A 122 13.19 -0.15 -13.22
C HIS A 122 12.14 -0.14 -12.10
N LEU A 123 10.88 0.12 -12.46
CA LEU A 123 9.79 0.16 -11.47
C LEU A 123 9.00 -1.16 -11.48
N ARG A 124 8.71 -1.63 -10.26
CA ARG A 124 7.91 -2.85 -10.08
C ARG A 124 6.90 -2.57 -8.95
N PHE A 125 5.64 -2.94 -9.17
CA PHE A 125 4.59 -2.73 -8.15
C PHE A 125 4.02 -4.10 -7.79
N ALA A 126 3.61 -4.24 -6.55
CA ALA A 126 3.04 -5.51 -6.13
C ALA A 126 1.84 -5.35 -5.19
N TRP A 127 0.87 -6.27 -5.34
CA TRP A 127 -0.29 -6.35 -4.47
C TRP A 127 -0.20 -7.75 -3.86
N TRP A 128 -0.09 -7.80 -2.53
CA TRP A 128 0.14 -9.09 -1.81
C TRP A 128 -1.09 -9.74 -1.31
N GLY A 129 -1.14 -11.06 -1.50
CA GLY A 129 -2.22 -11.80 -0.89
C GLY A 129 -1.82 -12.30 0.51
N ALA A 130 -2.88 -12.68 1.22
CA ALA A 130 -2.75 -13.33 2.52
C ALA A 130 -1.90 -12.64 3.55
N GLU A 131 -1.86 -11.31 3.51
CA GLU A 131 -1.12 -10.61 4.57
C GLU A 131 -1.76 -10.83 5.92
N GLU A 132 -3.09 -10.96 5.94
CA GLU A 132 -3.77 -11.08 7.24
C GLU A 132 -3.58 -12.44 7.87
N LEU A 133 -2.92 -13.37 7.16
CA LEU A 133 -2.65 -14.68 7.74
C LEU A 133 -1.22 -14.73 8.26
N GLY A 134 -0.49 -13.60 8.23
CA GLY A 134 0.87 -13.59 8.71
C GLY A 134 1.90 -13.27 7.62
N LEU A 135 1.61 -12.29 6.76
CA LEU A 135 2.54 -11.87 5.68
C LEU A 135 2.86 -13.01 4.73
N ILE A 136 1.90 -13.88 4.48
CA ILE A 136 2.19 -15.09 3.69
C ILE A 136 2.60 -14.78 2.27
N GLY A 137 1.89 -13.86 1.64
CA GLY A 137 2.21 -13.55 0.23
C GLY A 137 3.53 -12.84 0.05
N SER A 138 3.87 -11.86 0.88
CA SER A 138 5.16 -11.18 0.69
C SER A 138 6.32 -12.12 1.12
N LYS A 139 6.11 -12.92 2.17
CA LYS A 139 7.15 -13.92 2.49
C LYS A 139 7.34 -14.87 1.30
N PHE A 140 6.23 -15.30 0.66
CA PHE A 140 6.37 -16.20 -0.49
C PHE A 140 7.21 -15.54 -1.56
N TYR A 141 6.94 -14.27 -1.87
CA TYR A 141 7.71 -13.57 -2.91
C TYR A 141 9.21 -13.50 -2.59
N VAL A 142 9.56 -13.06 -1.37
CA VAL A 142 10.99 -12.93 -1.01
C VAL A 142 11.67 -14.29 -0.93
N ASN A 143 10.94 -15.28 -0.43
CA ASN A 143 11.54 -16.65 -0.29
C ASN A 143 11.81 -17.26 -1.65
N ASN A 144 11.11 -16.83 -2.69
CA ASN A 144 11.29 -17.38 -4.03
C ASN A 144 12.12 -16.55 -5.01
N LEU A 145 12.65 -15.43 -4.51
CA LEU A 145 13.52 -14.64 -5.36
C LEU A 145 14.92 -15.15 -5.20
N PRO A 146 15.59 -15.48 -6.32
CA PRO A 146 16.96 -15.95 -6.26
C PRO A 146 17.83 -14.82 -5.66
N SER A 147 18.97 -15.14 -5.06
CA SER A 147 19.81 -14.11 -4.47
C SER A 147 20.26 -13.05 -5.52
N ALA A 148 20.48 -13.43 -6.77
CA ALA A 148 20.91 -12.45 -7.78
C ALA A 148 19.80 -11.39 -7.98
N ASP A 149 18.55 -11.83 -7.96
CA ASP A 149 17.44 -10.89 -8.10
C ASP A 149 17.21 -10.05 -6.84
N ARG A 150 17.43 -10.61 -5.65
CA ARG A 150 17.27 -9.86 -4.41
C ARG A 150 18.26 -8.68 -4.39
N SER A 151 19.45 -8.94 -4.89
CA SER A 151 20.50 -7.93 -4.83
C SER A 151 20.22 -6.77 -5.77
N LYS A 152 19.29 -6.94 -6.70
CA LYS A 152 18.96 -5.86 -7.64
C LYS A 152 17.92 -4.92 -7.02
N LEU A 153 17.35 -5.27 -5.87
CA LEU A 153 16.34 -4.40 -5.28
C LEU A 153 16.95 -3.21 -4.59
N ALA A 154 16.63 -2.02 -5.07
CA ALA A 154 17.12 -0.82 -4.46
C ALA A 154 16.28 -0.34 -3.29
N GLY A 155 14.99 -0.73 -3.25
CA GLY A 155 14.21 -0.33 -2.10
C GLY A 155 12.79 -0.91 -2.27
N TYR A 156 12.10 -1.03 -1.15
CA TYR A 156 10.70 -1.47 -1.18
C TYR A 156 9.93 -0.47 -0.29
N LEU A 157 8.88 0.09 -0.87
CA LEU A 157 8.02 1.11 -0.18
C LEU A 157 6.66 0.43 0.08
N ASN A 158 6.20 0.51 1.34
CA ASN A 158 4.97 -0.21 1.73
C ASN A 158 3.85 0.77 2.11
N PHE A 159 2.62 0.47 1.67
CA PHE A 159 1.50 1.35 1.98
C PHE A 159 0.39 0.50 2.53
N ASP A 160 0.19 0.56 3.86
CA ASP A 160 -0.80 -0.31 4.54
C ASP A 160 -1.51 0.56 5.57
N MET A 161 -2.77 0.89 5.25
CA MET A 161 -3.68 1.77 6.06
C MET A 161 -3.21 3.21 5.97
N ILE A 162 -3.70 3.91 4.95
CA ILE A 162 -3.27 5.31 4.70
C ILE A 162 -4.46 6.27 4.59
N GLY A 163 -5.67 5.80 4.95
CA GLY A 163 -6.83 6.69 4.92
C GLY A 163 -7.64 6.65 6.23
N SER A 164 -7.00 6.45 7.38
CA SER A 164 -7.76 6.28 8.65
C SER A 164 -8.65 7.48 8.91
N PRO A 165 -9.84 7.22 9.43
CA PRO A 165 -10.79 8.32 9.64
C PRO A 165 -10.41 9.42 10.63
N ASN A 166 -9.57 9.10 11.64
CA ASN A 166 -9.12 10.10 12.65
C ASN A 166 -7.62 9.92 12.57
N PRO A 167 -7.06 10.38 11.44
CA PRO A 167 -5.66 10.13 11.17
C PRO A 167 -4.52 10.77 11.87
N GLY A 168 -3.41 10.02 11.88
CA GLY A 168 -2.13 10.57 12.23
C GLY A 168 -1.29 10.41 10.96
N TYR A 169 -0.10 11.00 10.91
CA TYR A 169 0.75 10.90 9.75
C TYR A 169 2.06 10.28 10.22
N PHE A 170 2.19 8.97 10.02
CA PHE A 170 3.35 8.26 10.52
C PHE A 170 4.22 7.79 9.38
N VAL A 171 5.54 7.94 9.55
CA VAL A 171 6.51 7.54 8.54
C VAL A 171 7.37 6.45 9.13
N TYR A 172 7.63 5.37 8.39
CA TYR A 172 8.48 4.31 8.96
C TYR A 172 9.92 4.84 9.20
N ASP A 173 10.60 4.30 10.20
CA ASP A 173 11.98 4.73 10.52
C ASP A 173 12.96 3.61 10.22
N ASP A 174 13.01 3.18 8.96
CA ASP A 174 13.91 2.11 8.57
C ASP A 174 14.99 2.77 7.72
N ASP A 175 15.07 2.49 6.44
CA ASP A 175 16.11 3.13 5.69
C ASP A 175 16.07 4.65 5.82
N PRO A 176 17.21 5.32 6.10
CA PRO A 176 17.20 6.79 6.24
C PRO A 176 16.88 7.65 5.05
N VAL A 177 17.28 7.19 3.87
CA VAL A 177 17.05 7.94 2.65
C VAL A 177 15.55 7.89 2.28
N ILE A 178 14.94 6.72 2.36
CA ILE A 178 13.50 6.63 2.03
C ILE A 178 12.73 7.48 3.05
N GLU A 179 13.09 7.38 4.33
CA GLU A 179 12.39 8.12 5.38
C GLU A 179 12.49 9.63 5.13
N LYS A 180 13.69 10.11 4.81
CA LYS A 180 13.83 11.53 4.53
C LYS A 180 13.00 12.00 3.35
N THR A 181 12.91 11.18 2.28
CA THR A 181 12.16 11.51 1.11
C THR A 181 10.69 11.76 1.50
N PHE A 182 10.10 10.89 2.33
CA PHE A 182 8.72 11.14 2.76
C PHE A 182 8.61 12.38 3.69
N LYS A 183 9.50 12.48 4.67
CA LYS A 183 9.43 13.62 5.59
C LYS A 183 9.55 14.95 4.85
N ASN A 184 10.45 15.03 3.88
CA ASN A 184 10.57 16.28 3.10
C ASN A 184 9.28 16.66 2.38
N TYR A 185 8.52 15.66 1.85
CA TYR A 185 7.29 15.98 1.16
C TYR A 185 6.26 16.60 2.14
N PHE A 186 6.12 16.00 3.33
CA PHE A 186 5.16 16.51 4.30
C PHE A 186 5.61 17.89 4.82
N ALA A 187 6.92 18.10 4.89
CA ALA A 187 7.45 19.42 5.33
C ALA A 187 6.97 20.51 4.41
N GLY A 188 6.91 20.21 3.11
CA GLY A 188 6.48 21.17 2.11
C GLY A 188 5.00 21.53 2.19
N LEU A 189 4.20 20.65 2.81
CA LEU A 189 2.79 20.89 3.01
C LEU A 189 2.55 21.51 4.39
N ASN A 190 3.60 21.56 5.22
CA ASN A 190 3.55 22.02 6.60
C ASN A 190 2.68 21.09 7.44
N VAL A 191 2.80 19.79 7.19
CA VAL A 191 2.08 18.77 7.98
C VAL A 191 3.14 18.03 8.77
N PRO A 192 3.05 18.03 10.09
CA PRO A 192 4.06 17.32 10.88
C PRO A 192 3.91 15.80 10.76
N THR A 193 5.02 15.10 10.92
CA THR A 193 4.99 13.65 10.93
C THR A 193 5.61 13.09 12.19
N GLU A 194 5.24 11.86 12.54
CA GLU A 194 5.84 11.17 13.67
C GLU A 194 6.37 9.82 13.16
N ILE A 195 7.26 9.21 13.91
CA ILE A 195 7.82 7.88 13.62
C ILE A 195 6.77 6.83 13.88
N GLU A 196 6.71 5.82 12.99
CA GLU A 196 5.73 4.74 13.11
C GLU A 196 6.14 3.77 14.21
N THR A 197 5.25 3.55 15.17
CA THR A 197 5.54 2.64 16.28
C THR A 197 4.43 1.59 16.50
N GLU A 198 3.19 1.91 16.14
CA GLU A 198 2.07 0.99 16.35
C GLU A 198 2.17 -0.34 15.62
N GLY A 199 2.52 -0.30 14.34
CA GLY A 199 2.60 -1.55 13.62
C GLY A 199 3.91 -2.32 13.67
N ASP A 200 5.02 -1.61 13.89
CA ASP A 200 6.32 -2.27 13.94
C ASP A 200 6.60 -3.16 12.72
N GLY A 201 7.03 -4.40 12.95
CA GLY A 201 7.27 -5.30 11.82
C GLY A 201 5.98 -6.03 11.39
N ARG A 202 4.82 -5.44 11.56
CA ARG A 202 3.66 -6.22 11.21
C ARG A 202 3.02 -5.85 9.89
N SER A 203 3.83 -5.70 8.87
CA SER A 203 3.27 -5.52 7.51
C SER A 203 4.27 -6.10 6.52
N ASP A 204 3.98 -5.94 5.23
CA ASP A 204 4.72 -6.61 4.13
C ASP A 204 6.11 -6.09 3.91
N HIS A 205 6.50 -4.99 4.54
CA HIS A 205 7.93 -4.60 4.39
C HIS A 205 8.82 -5.54 5.23
N ALA A 206 8.29 -6.25 6.21
CA ALA A 206 9.16 -7.08 7.11
C ALA A 206 10.01 -8.11 6.38
N PRO A 207 9.45 -8.91 5.47
CA PRO A 207 10.28 -9.90 4.78
C PRO A 207 11.41 -9.30 3.99
N PHE A 208 11.21 -8.10 3.43
CA PHE A 208 12.26 -7.43 2.68
C PHE A 208 13.33 -6.90 3.63
N LYS A 209 12.91 -6.26 4.68
CA LYS A 209 13.83 -5.68 5.68
C LYS A 209 14.73 -6.80 6.23
N ASN A 210 14.17 -7.98 6.48
CA ASN A 210 14.93 -9.06 7.10
C ASN A 210 16.04 -9.57 6.23
N VAL A 211 15.95 -9.37 4.92
CA VAL A 211 17.00 -9.82 3.98
C VAL A 211 17.86 -8.67 3.48
N GLY A 212 17.82 -7.52 4.17
CA GLY A 212 18.70 -6.42 3.81
C GLY A 212 18.31 -5.44 2.73
N VAL A 213 17.05 -5.52 2.30
CA VAL A 213 16.55 -4.56 1.28
C VAL A 213 16.10 -3.28 2.02
N PRO A 214 16.50 -2.09 1.53
CA PRO A 214 16.07 -0.85 2.22
C PRO A 214 14.53 -0.73 2.11
N VAL A 215 13.88 -0.39 3.23
CA VAL A 215 12.42 -0.26 3.18
C VAL A 215 11.94 1.01 3.84
N GLY A 216 10.69 1.38 3.52
CA GLY A 216 10.07 2.50 4.19
C GLY A 216 8.58 2.47 3.90
N GLY A 217 7.86 3.47 4.38
CA GLY A 217 6.41 3.48 4.11
C GLY A 217 5.69 4.51 4.95
N LEU A 218 4.35 4.51 4.77
CA LEU A 218 3.46 5.48 5.42
C LEU A 218 2.32 4.71 6.09
N PHE A 219 1.78 5.31 7.16
CA PHE A 219 0.71 4.67 7.94
C PHE A 219 -0.08 5.79 8.61
N THR A 220 -1.39 5.63 8.76
CA THR A 220 -2.20 6.68 9.42
C THR A 220 -2.81 6.26 10.75
N GLY A 221 -2.48 5.08 11.23
CA GLY A 221 -2.92 4.61 12.56
C GLY A 221 -4.07 3.61 12.52
N ALA A 222 -4.10 2.76 13.53
CA ALA A 222 -5.13 1.72 13.62
C ALA A 222 -5.87 1.79 14.96
N GLY A 223 -5.75 0.74 15.78
CA GLY A 223 -6.53 0.73 17.03
C GLY A 223 -6.04 1.57 18.20
N TYR A 224 -4.82 2.08 18.17
CA TYR A 224 -4.27 2.92 19.24
C TYR A 224 -5.10 4.21 19.32
N THR A 225 -5.08 4.84 20.48
CA THR A 225 -5.84 6.07 20.71
C THR A 225 -5.04 7.32 20.39
N LYS A 226 -5.63 8.29 19.71
CA LYS A 226 -4.95 9.55 19.38
C LYS A 226 -4.86 10.39 20.66
N SER A 227 -3.68 10.94 20.89
CA SER A 227 -3.48 11.75 22.11
C SER A 227 -3.90 13.19 21.91
N ALA A 228 -3.90 13.95 23.02
CA ALA A 228 -4.28 15.33 22.89
C ALA A 228 -3.24 16.08 22.08
N ALA A 229 -1.97 15.75 22.27
CA ALA A 229 -0.90 16.40 21.54
C ALA A 229 -1.05 16.09 20.03
N GLN A 230 -1.46 14.85 19.72
CA GLN A 230 -1.61 14.50 18.31
C GLN A 230 -2.82 15.17 17.68
N ALA A 231 -3.91 15.37 18.43
CA ALA A 231 -5.07 16.05 17.88
C ALA A 231 -4.74 17.54 17.67
N GLN A 232 -3.83 18.05 18.50
CA GLN A 232 -3.43 19.44 18.34
C GLN A 232 -2.67 19.60 17.03
N LYS A 233 -1.80 18.66 16.69
CA LYS A 233 -1.08 18.83 15.45
C LYS A 233 -1.82 18.37 14.19
N TRP A 234 -2.75 17.43 14.30
CA TRP A 234 -3.42 16.95 13.10
C TRP A 234 -4.92 17.12 13.02
N GLY A 235 -5.57 17.57 14.10
CA GLY A 235 -7.00 17.65 14.05
C GLY A 235 -7.58 16.31 14.47
N GLY A 236 -8.88 16.15 14.29
CA GLY A 236 -9.53 14.91 14.68
C GLY A 236 -10.08 14.91 16.09
N THR A 237 -10.08 13.75 16.72
CA THR A 237 -10.69 13.61 18.04
C THR A 237 -9.70 12.92 18.99
N ALA A 238 -9.27 13.63 20.05
CA ALA A 238 -8.36 13.03 21.01
C ALA A 238 -9.16 11.99 21.82
N GLY A 239 -8.51 10.92 22.21
CA GLY A 239 -9.17 9.91 23.01
C GLY A 239 -9.92 8.84 22.23
N GLN A 240 -9.94 8.99 20.89
CA GLN A 240 -10.58 8.00 20.01
C GLN A 240 -9.51 7.31 19.18
N ALA A 241 -9.79 6.06 18.81
CA ALA A 241 -8.83 5.35 17.93
C ALA A 241 -8.61 6.11 16.60
N PHE A 242 -7.43 5.86 16.00
CA PHE A 242 -7.16 6.40 14.67
C PHE A 242 -8.18 5.79 13.67
N ASP A 243 -8.45 4.48 13.85
CA ASP A 243 -9.42 3.77 13.03
C ASP A 243 -10.31 2.98 13.96
N ARG A 244 -11.52 3.53 14.17
CA ARG A 244 -12.54 2.93 15.08
C ARG A 244 -13.19 1.69 14.47
N CYS A 245 -12.89 1.42 13.18
CA CYS A 245 -13.48 0.27 12.47
C CYS A 245 -12.40 -0.72 12.02
N TYR A 246 -11.24 -0.68 12.68
CA TYR A 246 -10.16 -1.61 12.35
C TYR A 246 -10.65 -3.08 12.44
N HIS A 247 -10.43 -3.81 11.35
CA HIS A 247 -10.81 -5.26 11.23
C HIS A 247 -12.27 -5.50 11.53
N SER A 248 -13.11 -4.49 11.32
CA SER A 248 -14.54 -4.60 11.64
C SER A 248 -15.42 -4.54 10.42
N SER A 249 -16.71 -4.87 10.58
CA SER A 249 -17.61 -4.78 9.44
C SER A 249 -17.81 -3.33 8.98
N CYS A 250 -17.50 -2.36 9.83
CA CYS A 250 -17.67 -0.97 9.46
C CYS A 250 -16.46 -0.35 8.74
N ASP A 251 -15.49 -1.21 8.35
CA ASP A 251 -14.36 -0.68 7.53
C ASP A 251 -14.84 -0.68 6.07
N SER A 252 -15.66 0.33 5.79
CA SER A 252 -16.40 0.47 4.51
C SER A 252 -16.03 1.77 3.86
N LEU A 253 -16.76 2.16 2.79
CA LEU A 253 -16.43 3.43 2.13
C LEU A 253 -16.54 4.65 3.04
N SER A 254 -17.35 4.59 4.09
CA SER A 254 -17.42 5.72 4.98
C SER A 254 -16.28 5.78 6.02
N ASN A 255 -15.37 4.79 5.99
CA ASN A 255 -14.29 4.72 6.97
C ASN A 255 -12.99 5.27 6.38
N ILE A 256 -13.10 6.35 5.61
CA ILE A 256 -11.94 6.98 4.96
C ILE A 256 -11.90 8.47 5.20
N ASN A 257 -10.74 9.00 5.56
CA ASN A 257 -10.56 10.45 5.66
C ASN A 257 -9.93 10.86 4.29
N ASP A 258 -10.66 11.68 3.52
CA ASP A 258 -10.21 12.06 2.20
C ASP A 258 -8.93 12.86 2.24
N THR A 259 -8.76 13.75 3.21
CA THR A 259 -7.52 14.53 3.26
C THR A 259 -6.29 13.62 3.44
N ALA A 260 -6.38 12.70 4.39
CA ALA A 260 -5.25 11.83 4.63
C ALA A 260 -4.99 10.93 3.42
N LEU A 261 -6.05 10.41 2.79
CA LEU A 261 -5.87 9.54 1.62
C LEU A 261 -5.18 10.33 0.47
N ASP A 262 -5.61 11.59 0.26
CA ASP A 262 -5.04 12.39 -0.82
C ASP A 262 -3.57 12.70 -0.50
N ARG A 263 -3.30 13.18 0.72
CA ARG A 263 -1.91 13.50 1.07
C ARG A 263 -0.96 12.29 0.92
N ASN A 264 -1.40 11.12 1.40
CA ASN A 264 -0.53 9.96 1.35
C ASN A 264 -0.39 9.41 -0.08
N SER A 265 -1.41 9.55 -0.91
CA SER A 265 -1.31 9.12 -2.32
C SER A 265 -0.30 10.03 -3.03
N ASP A 266 -0.40 11.33 -2.77
CA ASP A 266 0.51 12.25 -3.42
C ASP A 266 1.96 12.02 -2.93
N ALA A 267 2.13 11.69 -1.65
CA ALA A 267 3.45 11.43 -1.09
C ALA A 267 4.02 10.15 -1.74
N ALA A 268 3.14 9.14 -1.96
CA ALA A 268 3.60 7.89 -2.58
C ALA A 268 4.19 8.19 -3.97
N ALA A 269 3.47 9.00 -4.76
CA ALA A 269 3.95 9.33 -6.12
C ALA A 269 5.23 10.15 -6.03
N HIS A 270 5.32 11.10 -5.10
CA HIS A 270 6.52 11.90 -4.96
C HIS A 270 7.74 11.00 -4.63
N ALA A 271 7.57 10.02 -3.74
CA ALA A 271 8.69 9.15 -3.37
C ALA A 271 9.09 8.25 -4.54
N ILE A 272 8.09 7.72 -5.25
CA ILE A 272 8.38 6.83 -6.39
C ILE A 272 9.14 7.60 -7.48
N TRP A 273 8.75 8.82 -7.82
CA TRP A 273 9.45 9.58 -8.84
C TRP A 273 10.84 9.97 -8.33
N THR A 274 10.94 10.43 -7.10
CA THR A 274 12.21 10.90 -6.55
C THR A 274 13.25 9.80 -6.45
N LEU A 275 12.82 8.65 -5.98
CA LEU A 275 13.78 7.56 -5.77
C LEU A 275 14.07 6.77 -7.03
N SER A 276 13.33 6.97 -8.13
CA SER A 276 13.63 6.22 -9.34
C SER A 276 14.44 7.01 -10.34
N SER A 277 14.80 8.24 -9.93
CA SER A 277 15.59 9.18 -10.73
C SER A 277 17.02 9.25 -10.21
ZN ZN B . -3.19 -3.95 6.49
ZN ZN C . -5.43 -5.90 8.87
CA CA D . -3.76 14.82 -4.90
N MET E . -0.51 -4.88 8.77
CA MET E . -1.63 -4.55 9.70
C MET E . -2.84 -5.20 9.12
O MET E . -3.80 -5.34 9.84
CB MET E . -1.86 -3.03 9.76
CG MET E . -1.09 -2.26 10.85
SD MET E . 0.67 -2.21 10.62
CE MET E . 0.77 -1.15 9.07
OXT MET E . -2.90 -5.60 7.95
#